data_3NFL
#
_entry.id   3NFL
#
_cell.length_a   51.582
_cell.length_b   51.679
_cell.length_c   190.902
_cell.angle_alpha   90.00
_cell.angle_beta   90.00
_cell.angle_gamma   90.00
#
_symmetry.space_group_name_H-M   'P 21 21 21'
#
loop_
_entity.id
_entity.type
_entity.pdbx_description
1 polymer 'Tyrosine-protein phosphatase non-receptor type 4'
2 polymer 'Glutamate [NMDA] receptor subunit epsilon-1'
3 water water
#
loop_
_entity_poly.entity_id
_entity_poly.type
_entity_poly.pdbx_seq_one_letter_code
_entity_poly.pdbx_strand_id
1 'polypeptide(L)'
;GSSPEKPTPNGGIPHDNLVLIRMKPDENGRFGFNVKGGYDQKMPVIVSRVAPGTPADLCVPRLNEGDQVVLINGRDIAEH
THDQVVLFIKASCERHSGELMLLVRPN
;
A,B,C,D
2 'polypeptide(L)' SNRRVYKKMPSIESDV E,F,G,H
#
# COMPACT_ATOMS: atom_id res chain seq x y z
N HIS A 15 8.31 -12.15 -6.29
CA HIS A 15 8.12 -10.83 -6.85
C HIS A 15 6.89 -10.08 -6.28
N ASP A 16 6.52 -10.45 -5.02
CA ASP A 16 5.43 -9.90 -4.22
C ASP A 16 5.96 -9.64 -2.79
N ASN A 17 5.17 -8.89 -1.96
CA ASN A 17 5.52 -8.46 -0.58
C ASN A 17 6.87 -7.66 -0.61
N LEU A 18 7.04 -6.84 -1.64
CA LEU A 18 8.28 -6.09 -1.80
C LEU A 18 8.22 -4.74 -1.11
N VAL A 19 9.38 -4.28 -0.65
CA VAL A 19 9.55 -3.00 0.04
C VAL A 19 10.58 -2.16 -0.74
N LEU A 20 10.22 -0.91 -1.03
CA LEU A 20 11.13 0.00 -1.71
C LEU A 20 11.92 0.76 -0.62
N ILE A 21 13.25 0.67 -0.65
CA ILE A 21 14.12 1.33 0.34
C ILE A 21 14.94 2.42 -0.32
N ARG A 22 14.91 3.63 0.27
CA ARG A 22 15.58 4.84 -0.22
C ARG A 22 16.55 5.33 0.84
N MET A 23 17.82 5.52 0.48
CA MET A 23 18.84 5.96 1.43
C MET A 23 19.90 6.83 0.81
N LYS A 24 20.33 7.88 1.53
CA LYS A 24 21.42 8.74 1.05
C LYS A 24 22.72 8.24 1.66
N PRO A 25 23.87 8.28 0.97
CA PRO A 25 25.11 7.78 1.61
C PRO A 25 25.67 8.73 2.66
N ASP A 26 26.65 8.27 3.46
CA ASP A 26 27.30 9.14 4.46
C ASP A 26 28.28 10.14 3.80
N GLU A 27 28.96 10.97 4.62
CA GLU A 27 29.96 11.94 4.18
C GLU A 27 31.11 11.30 3.38
N ASN A 28 31.32 9.99 3.58
CA ASN A 28 32.36 9.19 2.92
C ASN A 28 31.80 8.38 1.74
N GLY A 29 30.51 8.60 1.45
CA GLY A 29 29.79 7.94 0.38
C GLY A 29 29.50 6.47 0.60
N ARG A 30 29.38 6.04 1.86
CA ARG A 30 29.07 4.64 2.21
C ARG A 30 27.65 4.49 2.78
N PHE A 31 27.07 3.29 2.68
CA PHE A 31 25.71 2.98 3.13
C PHE A 31 25.58 2.21 4.46
N GLY A 32 26.60 1.40 4.77
CA GLY A 32 26.67 0.64 6.01
C GLY A 32 26.09 -0.74 6.02
N PHE A 33 26.01 -1.35 4.87
CA PHE A 33 25.49 -2.70 4.72
C PHE A 33 26.42 -3.57 3.87
N ASN A 34 26.29 -4.90 4.01
CA ASN A 34 27.06 -5.90 3.26
C ASN A 34 26.12 -6.69 2.42
N VAL A 35 26.60 -7.08 1.25
CA VAL A 35 25.76 -7.90 0.38
C VAL A 35 26.51 -9.15 0.02
N LYS A 36 25.81 -10.28 0.05
CA LYS A 36 26.34 -11.56 -0.35
C LYS A 36 25.54 -12.11 -1.53
N GLY A 37 26.13 -13.02 -2.30
CA GLY A 37 25.43 -13.65 -3.41
C GLY A 37 25.60 -12.97 -4.73
N GLY A 38 24.92 -13.51 -5.74
CA GLY A 38 24.97 -13.05 -7.12
C GLY A 38 25.00 -14.21 -8.09
N TYR A 39 24.77 -13.96 -9.39
CA TYR A 39 24.69 -14.98 -10.45
C TYR A 39 25.84 -15.98 -10.51
N ASP A 40 27.08 -15.50 -10.43
CA ASP A 40 28.28 -16.35 -10.46
C ASP A 40 28.36 -17.36 -9.29
N GLN A 41 27.89 -16.96 -8.09
CA GLN A 41 27.90 -17.80 -6.88
C GLN A 41 26.67 -18.72 -6.85
N LYS A 42 25.73 -18.55 -7.83
CA LYS A 42 24.46 -19.30 -7.96
C LYS A 42 23.61 -19.14 -6.68
N MET A 43 23.70 -17.94 -6.05
N MET A 43 23.69 -17.95 -6.05
CA MET A 43 22.99 -17.58 -4.81
CA MET A 43 22.96 -17.62 -4.83
C MET A 43 22.25 -16.26 -4.98
C MET A 43 22.25 -16.26 -4.97
N PRO A 44 21.09 -16.05 -4.32
CA PRO A 44 20.40 -14.74 -4.45
C PRO A 44 21.13 -13.63 -3.70
N VAL A 45 20.92 -12.40 -4.11
CA VAL A 45 21.59 -11.25 -3.48
C VAL A 45 20.90 -10.89 -2.16
N ILE A 46 21.62 -11.09 -1.05
CA ILE A 46 21.12 -10.99 0.34
C ILE A 46 21.95 -10.01 1.18
N VAL A 47 21.23 -9.17 1.94
CA VAL A 47 21.84 -8.23 2.86
C VAL A 47 22.34 -9.07 4.09
N SER A 48 23.66 -9.26 4.21
CA SER A 48 24.28 -10.07 5.28
C SER A 48 24.55 -9.30 6.57
N ARG A 49 24.67 -7.97 6.48
CA ARG A 49 24.91 -7.13 7.65
C ARG A 49 24.34 -5.74 7.39
N VAL A 50 23.84 -5.08 8.46
CA VAL A 50 23.39 -3.67 8.54
C VAL A 50 24.01 -3.12 9.84
N ALA A 51 25.18 -2.45 9.71
CA ALA A 51 25.97 -1.93 10.84
C ALA A 51 25.22 -0.77 11.54
N PRO A 52 25.30 -0.63 12.91
CA PRO A 52 24.53 0.43 13.60
C PRO A 52 24.89 1.87 13.25
N GLY A 53 23.90 2.75 13.31
CA GLY A 53 24.03 4.19 13.11
C GLY A 53 24.35 4.65 11.71
N THR A 54 24.37 3.71 10.74
CA THR A 54 24.68 3.99 9.31
C THR A 54 23.39 4.34 8.53
N PRO A 55 23.50 4.92 7.29
CA PRO A 55 22.30 5.19 6.48
C PRO A 55 21.37 3.98 6.24
N ALA A 56 21.88 2.74 6.05
CA ALA A 56 21.00 1.56 5.83
C ALA A 56 20.26 1.14 7.11
N ASP A 57 20.83 1.51 8.25
CA ASP A 57 20.27 1.25 9.57
C ASP A 57 19.23 2.31 9.95
N LEU A 58 19.43 3.57 9.51
CA LEU A 58 18.60 4.71 9.93
C LEU A 58 17.51 5.14 8.99
N CYS A 59 17.51 4.61 7.77
CA CYS A 59 16.48 4.93 6.79
C CYS A 59 15.13 4.26 7.18
N VAL A 60 14.01 4.88 6.82
CA VAL A 60 12.65 4.38 7.09
C VAL A 60 11.91 4.30 5.73
N PRO A 61 11.53 3.09 5.22
CA PRO A 61 11.68 1.75 5.83
C PRO A 61 13.14 1.34 5.93
N ARG A 62 13.49 0.60 7.01
CA ARG A 62 14.83 0.14 7.30
C ARG A 62 15.26 -1.02 6.41
N LEU A 63 16.54 -1.04 6.03
CA LEU A 63 17.12 -2.18 5.33
C LEU A 63 17.45 -3.19 6.42
N ASN A 64 17.05 -4.45 6.23
CA ASN A 64 17.27 -5.49 7.26
C ASN A 64 18.12 -6.63 6.76
N GLU A 65 18.80 -7.32 7.67
CA GLU A 65 19.59 -8.52 7.36
C GLU A 65 18.63 -9.62 6.92
N GLY A 66 18.98 -10.33 5.86
CA GLY A 66 18.14 -11.38 5.27
C GLY A 66 17.27 -10.90 4.11
N ASP A 67 17.18 -9.57 3.89
CA ASP A 67 16.43 -8.97 2.78
C ASP A 67 17.07 -9.43 1.49
N GLN A 68 16.25 -9.87 0.52
CA GLN A 68 16.81 -10.25 -0.77
C GLN A 68 16.68 -9.04 -1.65
N VAL A 69 17.78 -8.60 -2.30
CA VAL A 69 17.76 -7.44 -3.21
C VAL A 69 17.22 -7.90 -4.58
N VAL A 70 16.20 -7.19 -5.06
CA VAL A 70 15.52 -7.49 -6.33
C VAL A 70 15.94 -6.46 -7.37
N LEU A 71 15.79 -5.15 -7.08
CA LEU A 71 16.24 -4.07 -7.97
C LEU A 71 17.17 -3.10 -7.23
N ILE A 72 18.08 -2.50 -8.00
CA ILE A 72 19.02 -1.49 -7.53
C ILE A 72 18.84 -0.35 -8.50
N ASN A 73 18.37 0.78 -8.00
CA ASN A 73 18.07 1.97 -8.81
C ASN A 73 17.21 1.61 -10.05
N GLY A 74 16.30 0.66 -9.87
CA GLY A 74 15.38 0.18 -10.90
C GLY A 74 15.88 -0.94 -11.80
N ARG A 75 17.17 -1.28 -11.69
CA ARG A 75 17.85 -2.30 -12.49
C ARG A 75 17.60 -3.68 -11.91
N ASP A 76 17.24 -4.68 -12.75
CA ASP A 76 16.97 -6.06 -12.33
C ASP A 76 18.30 -6.77 -12.13
N ILE A 77 18.57 -7.28 -10.91
CA ILE A 77 19.86 -7.93 -10.62
C ILE A 77 19.96 -9.48 -10.81
N ALA A 78 18.83 -10.15 -11.13
CA ALA A 78 18.69 -11.61 -11.32
C ALA A 78 19.86 -12.37 -11.99
N GLU A 79 20.35 -11.89 -13.16
CA GLU A 79 21.46 -12.53 -13.89
C GLU A 79 22.79 -11.79 -13.76
N HIS A 80 22.87 -10.88 -12.78
CA HIS A 80 24.11 -10.12 -12.57
C HIS A 80 25.04 -10.76 -11.55
N THR A 81 26.35 -10.67 -11.81
CA THR A 81 27.37 -11.23 -10.91
C THR A 81 27.45 -10.38 -9.66
N HIS A 82 28.03 -10.94 -8.58
CA HIS A 82 28.26 -10.28 -7.29
C HIS A 82 29.02 -8.96 -7.53
N ASP A 83 30.12 -9.01 -8.28
CA ASP A 83 30.92 -7.81 -8.57
C ASP A 83 30.05 -6.73 -9.31
N GLN A 84 29.10 -7.13 -10.19
CA GLN A 84 28.25 -6.19 -10.93
C GLN A 84 27.28 -5.51 -10.01
N VAL A 85 26.68 -6.28 -9.06
CA VAL A 85 25.77 -5.80 -8.01
C VAL A 85 26.46 -4.71 -7.18
N VAL A 86 27.72 -4.97 -6.72
CA VAL A 86 28.52 -4.02 -5.92
C VAL A 86 28.75 -2.71 -6.77
N LEU A 87 29.20 -2.87 -8.01
CA LEU A 87 29.35 -1.76 -8.94
C LEU A 87 28.03 -0.96 -9.16
N PHE A 88 26.84 -1.64 -9.17
CA PHE A 88 25.55 -0.97 -9.30
C PHE A 88 25.31 -0.07 -8.07
N ILE A 89 25.61 -0.60 -6.87
CA ILE A 89 25.48 0.15 -5.60
C ILE A 89 26.38 1.39 -5.60
N LYS A 90 27.62 1.25 -6.07
CA LYS A 90 28.60 2.34 -6.12
C LYS A 90 28.34 3.32 -7.29
N ALA A 91 27.45 2.96 -8.24
CA ALA A 91 27.16 3.84 -9.37
C ALA A 91 26.23 5.01 -8.94
N SER A 92 26.82 6.00 -8.28
CA SER A 92 26.22 7.21 -7.71
C SER A 92 25.42 8.07 -8.72
N CYS A 93 25.82 8.04 -9.99
CA CYS A 93 25.15 8.79 -11.03
C CYS A 93 23.78 8.22 -11.33
N GLU A 94 23.54 6.92 -10.97
CA GLU A 94 22.24 6.24 -11.18
C GLU A 94 21.30 6.45 -10.03
N ARG A 95 21.67 7.31 -9.07
CA ARG A 95 20.81 7.57 -7.90
C ARG A 95 19.83 8.70 -8.21
N HIS A 96 18.55 8.40 -8.03
CA HIS A 96 17.48 9.35 -8.24
C HIS A 96 17.45 10.29 -7.04
N SER A 97 17.73 11.60 -7.28
CA SER A 97 17.82 12.67 -6.28
C SER A 97 18.90 12.36 -5.19
N GLY A 98 20.05 11.82 -5.62
CA GLY A 98 21.17 11.43 -4.77
C GLY A 98 20.93 10.29 -3.79
N GLU A 99 19.83 9.53 -3.94
CA GLU A 99 19.47 8.42 -3.07
C GLU A 99 19.57 7.08 -3.78
N LEU A 100 20.13 6.07 -3.07
CA LEU A 100 20.19 4.70 -3.59
C LEU A 100 18.81 4.08 -3.34
N MET A 101 18.19 3.59 -4.40
CA MET A 101 16.87 2.95 -4.32
C MET A 101 17.07 1.45 -4.45
N LEU A 102 16.52 0.73 -3.51
CA LEU A 102 16.53 -0.72 -3.50
C LEU A 102 15.12 -1.27 -3.41
N LEU A 103 14.86 -2.35 -4.17
CA LEU A 103 13.61 -3.07 -4.06
C LEU A 103 13.99 -4.40 -3.45
N VAL A 104 13.42 -4.72 -2.29
CA VAL A 104 13.77 -5.94 -1.54
C VAL A 104 12.58 -6.77 -1.15
N ARG A 105 12.86 -8.07 -0.87
CA ARG A 105 11.90 -9.04 -0.36
C ARG A 105 12.36 -9.34 1.06
N PRO A 106 11.59 -8.94 2.12
CA PRO A 106 12.01 -9.23 3.51
C PRO A 106 11.97 -10.73 3.84
N HIS B 15 -14.09 17.57 5.29
CA HIS B 15 -14.84 18.68 5.89
C HIS B 15 -15.53 19.52 4.82
N ASP B 16 -14.87 19.71 3.66
CA ASP B 16 -15.37 20.46 2.49
C ASP B 16 -15.45 19.55 1.25
N ASN B 17 -15.95 20.09 0.09
CA ASN B 17 -16.11 19.38 -1.19
C ASN B 17 -16.76 17.98 -1.04
N LEU B 18 -17.77 17.91 -0.16
CA LEU B 18 -18.49 16.69 0.18
C LEU B 18 -19.72 16.53 -0.70
N VAL B 19 -20.02 15.26 -1.04
CA VAL B 19 -21.13 14.85 -1.90
C VAL B 19 -22.10 13.95 -1.11
N LEU B 20 -23.40 14.24 -1.21
CA LEU B 20 -24.44 13.46 -0.53
C LEU B 20 -25.02 12.53 -1.58
N ILE B 21 -25.03 11.22 -1.26
CA ILE B 21 -25.50 10.17 -2.14
C ILE B 21 -26.62 9.40 -1.43
N ARG B 22 -27.76 9.19 -2.14
CA ARG B 22 -28.93 8.46 -1.63
C ARG B 22 -29.26 7.34 -2.60
N MET B 23 -29.55 6.17 -2.06
CA MET B 23 -29.87 4.98 -2.83
C MET B 23 -30.79 4.04 -2.09
N LYS B 24 -31.55 3.26 -2.84
CA LYS B 24 -32.44 2.25 -2.33
C LYS B 24 -31.83 0.89 -2.69
N PRO B 25 -31.90 -0.15 -1.82
CA PRO B 25 -31.30 -1.44 -2.19
C PRO B 25 -32.12 -2.18 -3.24
N ASP B 26 -31.56 -3.27 -3.80
CA ASP B 26 -32.27 -4.13 -4.74
C ASP B 26 -33.22 -5.07 -3.95
N GLU B 27 -33.83 -6.07 -4.63
CA GLU B 27 -34.74 -7.05 -4.02
C GLU B 27 -34.06 -7.91 -2.93
N ASN B 28 -32.71 -7.97 -2.95
CA ASN B 28 -31.88 -8.74 -2.03
C ASN B 28 -31.33 -7.93 -0.84
N GLY B 29 -31.64 -6.64 -0.80
CA GLY B 29 -31.19 -5.75 0.28
C GLY B 29 -29.77 -5.28 0.12
N ARG B 30 -29.23 -5.41 -1.10
CA ARG B 30 -27.87 -5.03 -1.44
C ARG B 30 -27.82 -3.76 -2.31
N PHE B 31 -26.75 -2.98 -2.15
CA PHE B 31 -26.48 -1.73 -2.89
C PHE B 31 -25.44 -1.93 -3.98
N GLY B 32 -24.60 -2.95 -3.82
CA GLY B 32 -23.58 -3.33 -4.81
C GLY B 32 -22.27 -2.57 -4.72
N PHE B 33 -21.81 -2.29 -3.49
CA PHE B 33 -20.54 -1.63 -3.24
C PHE B 33 -19.75 -2.32 -2.13
N ASN B 34 -18.41 -2.19 -2.16
CA ASN B 34 -17.53 -2.74 -1.16
C ASN B 34 -16.85 -1.61 -0.42
N VAL B 35 -16.84 -1.71 0.92
CA VAL B 35 -16.19 -0.70 1.75
C VAL B 35 -15.02 -1.33 2.50
N LYS B 36 -13.88 -0.64 2.52
CA LYS B 36 -12.70 -1.04 3.27
C LYS B 36 -12.32 0.10 4.23
N GLY B 37 -11.69 -0.22 5.36
CA GLY B 37 -11.26 0.77 6.34
C GLY B 37 -12.11 0.83 7.60
N GLY B 38 -11.59 1.56 8.59
CA GLY B 38 -12.21 1.76 9.89
C GLY B 38 -11.20 2.10 10.97
N TYR B 39 -11.68 2.47 12.19
CA TYR B 39 -10.82 2.82 13.33
C TYR B 39 -9.92 1.65 13.74
N ASP B 40 -10.46 0.41 13.68
CA ASP B 40 -9.76 -0.83 14.01
C ASP B 40 -8.64 -1.13 13.00
N GLN B 41 -8.89 -0.82 11.71
CA GLN B 41 -7.97 -1.05 10.59
C GLN B 41 -6.91 0.06 10.42
N LYS B 42 -7.03 1.17 11.20
CA LYS B 42 -6.14 2.35 11.19
C LYS B 42 -6.04 3.00 9.79
N MET B 43 -7.15 2.94 9.04
CA MET B 43 -7.30 3.48 7.68
C MET B 43 -8.72 4.05 7.50
N PRO B 44 -8.90 5.13 6.69
CA PRO B 44 -10.25 5.69 6.52
C PRO B 44 -11.20 4.76 5.74
N VAL B 45 -12.51 5.00 5.90
CA VAL B 45 -13.55 4.23 5.22
C VAL B 45 -13.59 4.64 3.75
N ILE B 46 -13.13 3.73 2.86
CA ILE B 46 -13.03 3.94 1.42
C ILE B 46 -13.85 2.91 0.62
N VAL B 47 -14.58 3.38 -0.40
CA VAL B 47 -15.32 2.52 -1.33
C VAL B 47 -14.31 1.84 -2.28
N SER B 48 -13.93 0.60 -1.93
CA SER B 48 -12.98 -0.20 -2.72
C SER B 48 -13.54 -0.64 -4.07
N ARG B 49 -14.88 -0.83 -4.18
CA ARG B 49 -15.56 -1.28 -5.41
C ARG B 49 -17.00 -0.82 -5.54
N VAL B 50 -17.44 -0.52 -6.78
CA VAL B 50 -18.83 -0.21 -7.12
C VAL B 50 -19.19 -1.17 -8.26
N ALA B 51 -20.19 -2.05 -8.06
CA ALA B 51 -20.56 -3.04 -9.09
C ALA B 51 -21.44 -2.43 -10.19
N PRO B 52 -21.28 -2.87 -11.46
CA PRO B 52 -22.11 -2.33 -12.55
C PRO B 52 -23.58 -2.76 -12.46
N GLY B 53 -24.48 -1.88 -12.88
CA GLY B 53 -25.92 -2.13 -12.90
C GLY B 53 -26.57 -2.26 -11.54
N THR B 54 -25.85 -1.88 -10.47
CA THR B 54 -26.34 -1.93 -9.08
C THR B 54 -26.79 -0.55 -8.58
N PRO B 55 -27.64 -0.45 -7.52
CA PRO B 55 -28.10 0.89 -7.06
C PRO B 55 -27.07 1.97 -6.75
N ALA B 56 -25.88 1.61 -6.21
CA ALA B 56 -24.79 2.54 -5.91
C ALA B 56 -24.16 3.07 -7.21
N ASP B 57 -24.26 2.26 -8.27
CA ASP B 57 -23.75 2.53 -9.60
C ASP B 57 -24.72 3.30 -10.47
N LEU B 58 -26.03 3.04 -10.31
CA LEU B 58 -27.07 3.67 -11.12
C LEU B 58 -27.73 4.94 -10.52
N CYS B 59 -27.45 5.25 -9.22
CA CYS B 59 -27.99 6.41 -8.49
C CYS B 59 -27.36 7.73 -8.92
N VAL B 60 -28.12 8.85 -8.82
CA VAL B 60 -27.69 10.20 -9.22
C VAL B 60 -27.70 11.20 -8.03
N PRO B 61 -26.54 11.70 -7.51
CA PRO B 61 -25.16 11.42 -7.95
C PRO B 61 -24.65 10.00 -7.62
N ARG B 62 -23.72 9.57 -8.46
CA ARG B 62 -23.10 8.25 -8.45
C ARG B 62 -22.10 8.03 -7.32
N LEU B 63 -22.10 6.82 -6.72
CA LEU B 63 -21.08 6.47 -5.74
C LEU B 63 -19.84 6.02 -6.52
N ASN B 64 -18.67 6.56 -6.18
CA ASN B 64 -17.43 6.29 -6.91
C ASN B 64 -16.35 5.55 -6.14
N GLU B 65 -15.61 4.65 -6.83
CA GLU B 65 -14.47 3.93 -6.28
C GLU B 65 -13.44 4.95 -5.80
N GLY B 66 -13.00 4.84 -4.55
CA GLY B 66 -12.03 5.75 -3.96
C GLY B 66 -12.66 6.81 -3.08
N ASP B 67 -14.01 6.97 -3.16
CA ASP B 67 -14.74 7.90 -2.28
C ASP B 67 -14.56 7.51 -0.84
N GLN B 68 -14.24 8.51 -0.03
CA GLN B 68 -14.07 8.31 1.40
C GLN B 68 -15.41 8.59 2.08
N VAL B 69 -15.90 7.63 2.88
CA VAL B 69 -17.18 7.82 3.56
C VAL B 69 -17.00 8.68 4.84
N VAL B 70 -17.81 9.75 4.96
CA VAL B 70 -17.82 10.67 6.11
C VAL B 70 -19.05 10.33 7.02
N LEU B 71 -20.27 10.30 6.44
CA LEU B 71 -21.48 9.95 7.18
C LEU B 71 -22.22 8.78 6.57
N ILE B 72 -22.91 8.00 7.42
CA ILE B 72 -23.74 6.87 7.03
C ILE B 72 -25.06 7.11 7.73
N ASN B 73 -26.11 7.50 6.97
CA ASN B 73 -27.45 7.84 7.47
C ASN B 73 -27.42 9.02 8.47
N GLY B 74 -26.42 9.88 8.29
CA GLY B 74 -26.19 11.06 9.12
C GLY B 74 -25.29 10.83 10.31
N ARG B 75 -24.82 9.57 10.50
CA ARG B 75 -23.95 9.20 11.62
CA ARG B 75 -23.95 9.20 11.63
C ARG B 75 -22.48 9.35 11.27
N ASP B 76 -21.69 9.95 12.19
CA ASP B 76 -20.26 10.12 12.02
C ASP B 76 -19.59 8.78 12.28
N ILE B 77 -18.68 8.38 11.38
CA ILE B 77 -18.01 7.09 11.47
C ILE B 77 -16.52 7.21 11.78
N ALA B 78 -16.01 8.46 11.98
CA ALA B 78 -14.59 8.78 12.25
C ALA B 78 -13.91 7.91 13.31
N GLU B 79 -14.62 7.62 14.42
CA GLU B 79 -14.12 6.78 15.51
C GLU B 79 -14.83 5.42 15.61
N HIS B 80 -15.26 4.87 14.45
CA HIS B 80 -15.93 3.56 14.40
C HIS B 80 -15.14 2.49 13.67
N THR B 81 -15.33 1.22 14.09
CA THR B 81 -14.67 0.07 13.49
C THR B 81 -15.27 -0.27 12.11
N HIS B 82 -14.61 -1.18 11.37
CA HIS B 82 -15.05 -1.66 10.07
C HIS B 82 -16.40 -2.36 10.17
N ASP B 83 -16.53 -3.29 11.15
CA ASP B 83 -17.73 -4.08 11.45
C ASP B 83 -18.93 -3.18 11.73
N GLN B 84 -18.73 -2.12 12.54
CA GLN B 84 -19.73 -1.12 12.89
C GLN B 84 -20.24 -0.40 11.66
N VAL B 85 -19.31 0.08 10.80
CA VAL B 85 -19.62 0.78 9.56
C VAL B 85 -20.50 -0.11 8.68
N VAL B 86 -20.16 -1.40 8.57
CA VAL B 86 -20.92 -2.38 7.79
C VAL B 86 -22.32 -2.54 8.40
N LEU B 87 -22.41 -2.63 9.76
CA LEU B 87 -23.69 -2.72 10.45
C LEU B 87 -24.51 -1.44 10.28
N PHE B 88 -23.87 -0.27 10.18
CA PHE B 88 -24.57 0.99 9.93
C PHE B 88 -25.24 0.97 8.55
N ILE B 89 -24.49 0.57 7.52
CA ILE B 89 -25.02 0.48 6.15
C ILE B 89 -26.15 -0.57 6.10
N LYS B 90 -25.91 -1.74 6.73
CA LYS B 90 -26.85 -2.84 6.79
C LYS B 90 -28.08 -2.53 7.64
N ALA B 91 -27.99 -1.57 8.61
CA ALA B 91 -29.10 -1.16 9.48
C ALA B 91 -30.22 -0.46 8.72
N SER B 92 -30.99 -1.26 7.97
CA SER B 92 -32.12 -0.84 7.15
C SER B 92 -33.19 -0.09 7.97
N CYS B 93 -33.42 -0.54 9.23
CA CYS B 93 -34.36 0.11 10.15
C CYS B 93 -33.83 1.43 10.65
N SER B 97 -38.15 6.29 4.66
CA SER B 97 -37.93 6.38 3.22
C SER B 97 -37.12 5.19 2.64
N GLY B 98 -36.45 4.44 3.53
CA GLY B 98 -35.64 3.27 3.20
C GLY B 98 -34.43 3.53 2.33
N GLU B 99 -34.02 4.80 2.26
CA GLU B 99 -32.88 5.26 1.48
C GLU B 99 -31.62 5.28 2.31
N LEU B 100 -30.56 4.65 1.79
CA LEU B 100 -29.24 4.69 2.43
C LEU B 100 -28.62 6.03 2.06
N MET B 101 -28.26 6.84 3.07
CA MET B 101 -27.63 8.14 2.85
C MET B 101 -26.16 8.05 3.21
N LEU B 102 -25.27 8.45 2.29
CA LEU B 102 -23.84 8.50 2.53
C LEU B 102 -23.34 9.92 2.24
N LEU B 103 -22.46 10.42 3.10
CA LEU B 103 -21.80 11.70 2.84
C LEU B 103 -20.39 11.28 2.50
N VAL B 104 -19.93 11.61 1.28
CA VAL B 104 -18.62 11.17 0.83
C VAL B 104 -17.73 12.29 0.29
N ARG B 105 -16.41 12.09 0.43
CA ARG B 105 -15.37 12.98 -0.10
C ARG B 105 -14.84 12.29 -1.38
N PRO B 106 -14.99 12.87 -2.60
CA PRO B 106 -14.48 12.19 -3.81
C PRO B 106 -13.01 12.47 -4.09
N PRO C 14 -29.27 -20.33 26.18
CA PRO C 14 -30.00 -21.60 26.35
C PRO C 14 -30.17 -22.41 25.07
N HIS C 15 -30.44 -23.72 25.22
CA HIS C 15 -30.65 -24.66 24.12
C HIS C 15 -32.11 -25.15 24.07
N ASP C 16 -32.75 -25.33 25.24
CA ASP C 16 -34.10 -25.88 25.38
C ASP C 16 -35.26 -24.87 25.56
N ASN C 17 -36.52 -25.34 25.30
CA ASN C 17 -37.79 -24.59 25.40
C ASN C 17 -37.72 -23.18 24.77
N LEU C 18 -37.31 -23.12 23.50
CA LEU C 18 -37.15 -21.85 22.78
C LEU C 18 -38.30 -21.55 21.82
N VAL C 19 -38.54 -20.27 21.54
CA VAL C 19 -39.62 -19.85 20.65
C VAL C 19 -39.11 -18.99 19.52
N LEU C 20 -39.46 -19.36 18.28
CA LEU C 20 -39.07 -18.62 17.07
C LEU C 20 -40.17 -17.62 16.71
N ILE C 21 -39.85 -16.33 16.83
CA ILE C 21 -40.77 -15.24 16.51
C ILE C 21 -40.32 -14.57 15.22
N ARG C 22 -41.27 -14.31 14.31
CA ARG C 22 -41.06 -13.59 13.05
C ARG C 22 -41.93 -12.31 13.07
N MET C 23 -41.37 -11.17 12.64
CA MET C 23 -42.10 -9.90 12.61
C MET C 23 -41.55 -8.94 11.59
N LYS C 24 -42.44 -8.16 10.96
CA LYS C 24 -42.10 -7.15 9.96
C LYS C 24 -42.24 -5.78 10.66
N PRO C 25 -41.29 -4.83 10.51
CA PRO C 25 -41.37 -3.54 11.23
C PRO C 25 -42.51 -2.62 10.80
N ASP C 26 -42.90 -1.65 11.67
CA ASP C 26 -43.93 -0.67 11.34
C ASP C 26 -43.44 0.35 10.28
N GLU C 27 -44.29 1.31 9.90
CA GLU C 27 -43.98 2.34 8.89
C GLU C 27 -42.73 3.17 9.21
N ASN C 28 -42.34 3.21 10.50
CA ASN C 28 -41.15 3.92 10.99
C ASN C 28 -39.94 3.01 11.14
N GLY C 29 -40.04 1.77 10.67
CA GLY C 29 -38.98 0.78 10.76
C GLY C 29 -38.75 0.28 12.18
N ARG C 30 -39.68 0.59 13.10
CA ARG C 30 -39.60 0.15 14.48
C ARG C 30 -40.43 -1.12 14.69
N PHE C 31 -39.99 -1.97 15.61
CA PHE C 31 -40.66 -3.22 15.95
C PHE C 31 -41.56 -3.06 17.17
N GLY C 32 -41.23 -2.06 18.00
CA GLY C 32 -42.00 -1.71 19.18
C GLY C 32 -41.66 -2.46 20.45
N PHE C 33 -40.38 -2.83 20.61
CA PHE C 33 -39.88 -3.54 21.81
C PHE C 33 -38.54 -2.95 22.24
N ASN C 34 -38.18 -3.20 23.50
CA ASN C 34 -36.96 -2.68 24.12
C ASN C 34 -36.05 -3.81 24.56
N VAL C 35 -34.75 -3.55 24.52
CA VAL C 35 -33.70 -4.49 24.88
C VAL C 35 -32.67 -3.97 25.88
N LYS C 36 -32.34 -4.81 26.87
CA LYS C 36 -31.35 -4.58 27.91
C LYS C 36 -30.38 -5.79 27.96
N GLY C 37 -29.10 -5.53 28.24
CA GLY C 37 -28.07 -6.56 28.32
C GLY C 37 -27.07 -6.58 27.18
N GLY C 38 -26.07 -7.45 27.31
CA GLY C 38 -24.98 -7.61 26.33
C GLY C 38 -23.67 -7.97 27.01
N TYR C 39 -22.72 -8.52 26.22
CA TYR C 39 -21.39 -8.98 26.68
C TYR C 39 -20.56 -7.91 27.43
N ASP C 40 -20.53 -6.67 26.92
CA ASP C 40 -19.80 -5.56 27.54
C ASP C 40 -20.46 -5.12 28.86
N GLN C 41 -21.75 -5.47 29.05
CA GLN C 41 -22.56 -5.16 30.24
C GLN C 41 -22.63 -6.32 31.25
N LYS C 42 -22.05 -7.51 30.90
CA LYS C 42 -22.01 -8.73 31.73
C LYS C 42 -23.42 -9.24 32.14
N MET C 43 -24.42 -8.98 31.29
CA MET C 43 -25.83 -9.32 31.48
C MET C 43 -26.44 -9.96 30.22
N PRO C 44 -27.45 -10.87 30.35
CA PRO C 44 -28.08 -11.45 29.15
C PRO C 44 -29.09 -10.51 28.49
N VAL C 45 -29.37 -10.73 27.19
CA VAL C 45 -30.31 -9.89 26.43
C VAL C 45 -31.76 -10.28 26.68
N ILE C 46 -32.52 -9.39 27.30
CA ILE C 46 -33.93 -9.61 27.65
C ILE C 46 -34.83 -8.49 27.08
N VAL C 47 -36.07 -8.89 26.68
CA VAL C 47 -37.11 -8.01 26.13
C VAL C 47 -37.73 -7.22 27.28
N SER C 48 -37.23 -5.98 27.47
CA SER C 48 -37.62 -5.08 28.56
C SER C 48 -38.94 -4.31 28.41
N ARG C 49 -39.57 -4.38 27.20
CA ARG C 49 -40.86 -3.74 26.93
C ARG C 49 -41.40 -4.20 25.59
N VAL C 50 -42.72 -4.48 25.51
CA VAL C 50 -43.45 -4.78 24.27
C VAL C 50 -44.59 -3.74 24.25
N ALA C 51 -44.61 -2.84 23.25
CA ALA C 51 -45.63 -1.80 23.20
C ALA C 51 -46.88 -2.23 22.42
N PRO C 52 -48.11 -1.93 22.93
CA PRO C 52 -49.33 -2.38 22.23
C PRO C 52 -49.53 -1.81 20.83
N GLY C 53 -50.07 -2.64 19.94
CA GLY C 53 -50.34 -2.27 18.55
C GLY C 53 -49.14 -2.30 17.64
N THR C 54 -47.93 -2.33 18.22
CA THR C 54 -46.68 -2.37 17.47
C THR C 54 -46.45 -3.79 16.87
N PRO C 55 -45.59 -3.96 15.85
CA PRO C 55 -45.37 -5.30 15.27
C PRO C 55 -45.01 -6.44 16.23
N ALA C 56 -44.36 -6.10 17.39
CA ALA C 56 -43.96 -7.06 18.43
C ALA C 56 -45.16 -7.59 19.21
N ASP C 57 -46.33 -6.95 19.02
CA ASP C 57 -47.61 -7.26 19.65
C ASP C 57 -48.56 -7.99 18.69
N LEU C 58 -48.53 -7.64 17.38
CA LEU C 58 -49.38 -8.23 16.35
C LEU C 58 -48.86 -9.55 15.74
N CYS C 59 -47.57 -9.88 15.94
CA CYS C 59 -46.94 -11.10 15.41
C CYS C 59 -47.50 -12.38 16.05
N VAL C 60 -47.53 -13.50 15.29
CA VAL C 60 -48.02 -14.81 15.77
C VAL C 60 -46.95 -15.95 15.57
N PRO C 61 -46.27 -16.44 16.64
CA PRO C 61 -46.40 -16.05 18.06
C PRO C 61 -45.96 -14.64 18.37
N ARG C 62 -46.66 -14.03 19.34
CA ARG C 62 -46.39 -12.68 19.86
C ARG C 62 -45.05 -12.66 20.64
N LEU C 63 -44.33 -11.51 20.61
CA LEU C 63 -43.11 -11.35 21.41
C LEU C 63 -43.59 -10.96 22.79
N ASN C 64 -43.17 -11.70 23.82
CA ASN C 64 -43.63 -11.40 25.19
C ASN C 64 -42.56 -10.76 26.05
N GLU C 65 -42.93 -9.77 26.88
CA GLU C 65 -41.98 -9.14 27.81
C GLU C 65 -41.37 -10.22 28.72
N GLY C 66 -40.03 -10.20 28.83
CA GLY C 66 -39.31 -11.14 29.68
C GLY C 66 -38.61 -12.25 28.92
N ASP C 67 -38.88 -12.35 27.61
CA ASP C 67 -38.24 -13.35 26.76
C ASP C 67 -36.72 -13.02 26.62
N GLN C 68 -35.85 -14.02 26.81
CA GLN C 68 -34.41 -13.82 26.72
C GLN C 68 -34.01 -14.09 25.28
N VAL C 69 -33.37 -13.12 24.64
CA VAL C 69 -32.95 -13.26 23.23
C VAL C 69 -31.73 -14.18 23.08
N VAL C 70 -31.89 -15.24 22.27
CA VAL C 70 -30.86 -16.26 22.00
C VAL C 70 -30.21 -16.00 20.63
N LEU C 71 -31.03 -15.88 19.59
CA LEU C 71 -30.58 -15.62 18.21
C LEU C 71 -31.31 -14.42 17.63
N ILE C 72 -30.60 -13.65 16.78
CA ILE C 72 -31.13 -12.52 16.02
C ILE C 72 -30.87 -12.80 14.53
N ASN C 73 -31.98 -13.07 13.79
CA ASN C 73 -31.96 -13.38 12.35
C ASN C 73 -30.99 -14.53 12.08
N GLY C 74 -30.95 -15.44 13.05
CA GLY C 74 -30.10 -16.63 13.05
C GLY C 74 -28.70 -16.47 13.61
N ARG C 75 -28.34 -15.30 14.16
CA ARG C 75 -26.98 -15.08 14.68
C ARG C 75 -26.89 -15.21 16.22
N ASP C 76 -25.84 -15.92 16.73
CA ASP C 76 -25.60 -16.09 18.18
C ASP C 76 -25.07 -14.79 18.78
N ILE C 77 -25.76 -14.27 19.81
CA ILE C 77 -25.43 -12.96 20.43
C ILE C 77 -24.77 -13.00 21.83
N ALA C 78 -24.49 -14.20 22.39
CA ALA C 78 -23.91 -14.38 23.73
C ALA C 78 -22.57 -13.69 23.95
N GLU C 79 -21.73 -13.61 22.89
CA GLU C 79 -20.42 -12.96 22.93
C GLU C 79 -20.47 -11.51 22.39
N HIS C 80 -21.68 -11.02 21.99
CA HIS C 80 -21.85 -9.67 21.45
C HIS C 80 -22.29 -8.59 22.43
N THR C 81 -21.82 -7.36 22.19
CA THR C 81 -22.10 -6.16 22.99
C THR C 81 -23.57 -5.68 22.78
N HIS C 82 -24.06 -4.79 23.68
CA HIS C 82 -25.41 -4.20 23.61
C HIS C 82 -25.66 -3.44 22.28
N ASP C 83 -24.66 -2.72 21.77
CA ASP C 83 -24.70 -1.95 20.54
C ASP C 83 -24.70 -2.87 19.31
N GLN C 84 -23.91 -3.97 19.35
CA GLN C 84 -23.86 -4.97 18.28
C GLN C 84 -25.23 -5.65 18.16
N VAL C 85 -25.83 -5.97 19.31
CA VAL C 85 -27.17 -6.61 19.40
C VAL C 85 -28.20 -5.67 18.80
N VAL C 86 -28.21 -4.40 19.22
CA VAL C 86 -29.11 -3.36 18.69
C VAL C 86 -28.88 -3.22 17.16
N LEU C 87 -27.62 -3.15 16.69
CA LEU C 87 -27.37 -3.03 15.23
C LEU C 87 -27.87 -4.24 14.45
N PHE C 88 -27.74 -5.46 15.03
CA PHE C 88 -28.23 -6.69 14.41
C PHE C 88 -29.74 -6.61 14.25
N ILE C 89 -30.43 -6.04 15.25
CA ILE C 89 -31.88 -5.88 15.20
C ILE C 89 -32.25 -4.83 14.15
N LYS C 90 -31.60 -3.65 14.19
CA LYS C 90 -31.88 -2.59 13.24
C LYS C 90 -31.51 -2.94 11.80
N ALA C 91 -30.77 -4.04 11.57
CA ALA C 91 -30.41 -4.46 10.20
C ALA C 91 -31.41 -5.44 9.55
N SER C 92 -32.62 -5.55 10.14
CA SER C 92 -33.72 -6.44 9.72
C SER C 92 -34.70 -5.90 8.66
N CYS C 93 -34.92 -4.55 8.56
CA CYS C 93 -35.88 -3.96 7.60
C CYS C 93 -35.52 -4.29 6.15
N GLU C 99 -38.20 -8.22 7.43
CA GLU C 99 -38.66 -9.11 8.50
C GLU C 99 -37.57 -9.57 9.50
N LEU C 100 -37.84 -9.34 10.80
CA LEU C 100 -37.00 -9.73 11.94
C LEU C 100 -37.41 -11.08 12.50
N MET C 101 -36.44 -11.99 12.59
N MET C 101 -36.43 -11.98 12.62
CA MET C 101 -36.62 -13.32 13.17
CA MET C 101 -36.62 -13.31 13.19
C MET C 101 -35.86 -13.37 14.51
C MET C 101 -35.85 -13.40 14.51
N LEU C 102 -36.53 -13.75 15.59
CA LEU C 102 -35.90 -13.85 16.91
C LEU C 102 -36.09 -15.24 17.48
N LEU C 103 -35.03 -15.80 18.09
CA LEU C 103 -35.16 -17.06 18.83
C LEU C 103 -35.05 -16.65 20.26
N VAL C 104 -36.11 -16.88 21.02
CA VAL C 104 -36.15 -16.44 22.41
C VAL C 104 -36.39 -17.55 23.42
N ARG C 105 -35.96 -17.33 24.67
CA ARG C 105 -36.23 -18.25 25.77
C ARG C 105 -37.29 -17.56 26.65
N PRO C 106 -38.58 -17.98 26.59
CA PRO C 106 -39.59 -17.34 27.46
C PRO C 106 -39.23 -17.57 28.92
N ASN C 107 -39.12 -16.48 29.71
CA ASN C 107 -38.73 -16.45 31.14
C ASN C 107 -37.32 -16.97 31.38
N ASP D 16 51.82 8.76 -24.50
CA ASP D 16 52.23 10.14 -24.72
C ASP D 16 51.13 10.95 -25.44
N ASN D 17 51.32 12.30 -25.60
CA ASN D 17 50.37 13.29 -26.14
C ASN D 17 48.97 13.13 -25.51
N LEU D 18 48.97 12.90 -24.19
CA LEU D 18 47.74 12.65 -23.45
C LEU D 18 47.06 13.93 -23.01
N VAL D 19 45.74 13.87 -22.86
CA VAL D 19 44.88 15.00 -22.51
C VAL D 19 44.03 14.70 -21.27
N LEU D 20 44.15 15.55 -20.24
CA LEU D 20 43.36 15.42 -19.00
C LEU D 20 42.10 16.28 -19.08
N ILE D 21 40.95 15.67 -18.88
CA ILE D 21 39.63 16.31 -19.01
C ILE D 21 38.83 16.21 -17.71
N ARG D 22 38.14 17.30 -17.33
CA ARG D 22 37.31 17.38 -16.13
C ARG D 22 35.90 17.85 -16.49
N MET D 23 34.88 17.20 -15.90
CA MET D 23 33.49 17.58 -16.15
C MET D 23 32.54 17.32 -15.01
N LYS D 24 31.56 18.21 -14.85
CA LYS D 24 30.53 18.06 -13.80
C LYS D 24 29.29 17.45 -14.44
N PRO D 25 28.62 16.48 -13.79
CA PRO D 25 27.40 15.90 -14.40
C PRO D 25 26.21 16.87 -14.41
N ASP D 26 25.20 16.63 -15.28
CA ASP D 26 23.99 17.47 -15.31
C ASP D 26 23.08 17.12 -14.12
N GLU D 27 21.88 17.77 -14.01
CA GLU D 27 20.88 17.56 -12.94
C GLU D 27 20.47 16.09 -12.81
N ASN D 28 20.65 15.33 -13.89
CA ASN D 28 20.32 13.91 -14.03
C ASN D 28 21.52 12.95 -13.81
N GLY D 29 22.71 13.48 -13.50
CA GLY D 29 23.94 12.70 -13.31
C GLY D 29 24.51 12.17 -14.61
N ARG D 30 24.20 12.83 -15.71
CA ARG D 30 24.66 12.42 -17.03
C ARG D 30 25.74 13.37 -17.53
N PHE D 31 26.70 12.81 -18.26
CA PHE D 31 27.83 13.56 -18.84
C PHE D 31 27.58 13.92 -20.30
N GLY D 32 26.70 13.17 -20.96
CA GLY D 32 26.34 13.40 -22.35
C GLY D 32 27.25 12.83 -23.42
N PHE D 33 27.86 11.67 -23.16
CA PHE D 33 28.72 10.99 -24.13
C PHE D 33 28.50 9.50 -24.13
N ASN D 34 28.96 8.81 -25.20
CA ASN D 34 28.80 7.36 -25.33
C ASN D 34 30.17 6.76 -25.49
N VAL D 35 30.39 5.57 -24.92
CA VAL D 35 31.68 4.84 -25.02
C VAL D 35 31.50 3.47 -25.65
N LYS D 36 32.48 3.07 -26.47
CA LYS D 36 32.55 1.76 -27.12
C LYS D 36 33.87 1.08 -26.66
N GLY D 37 33.93 -0.26 -26.75
CA GLY D 37 35.12 -1.05 -26.41
C GLY D 37 35.33 -1.46 -24.96
N GLY D 38 36.43 -2.18 -24.75
CA GLY D 38 36.86 -2.73 -23.46
C GLY D 38 37.55 -4.07 -23.63
N TYR D 39 38.03 -4.66 -22.50
CA TYR D 39 38.76 -5.93 -22.49
C TYR D 39 37.99 -7.11 -23.08
N ASP D 40 36.69 -7.21 -22.74
CA ASP D 40 35.77 -8.24 -23.22
C ASP D 40 35.43 -8.05 -24.72
N GLN D 41 35.82 -6.90 -25.30
CA GLN D 41 35.54 -6.52 -26.68
C GLN D 41 36.79 -6.48 -27.58
N LYS D 42 37.99 -6.69 -26.99
CA LYS D 42 39.31 -6.68 -27.66
C LYS D 42 39.66 -5.36 -28.39
N MET D 43 38.82 -4.34 -28.17
CA MET D 43 38.91 -3.01 -28.76
C MET D 43 39.26 -1.99 -27.68
N PRO D 44 39.88 -0.83 -28.02
CA PRO D 44 40.13 0.16 -26.98
C PRO D 44 38.81 0.84 -26.58
N VAL D 45 38.81 1.52 -25.43
CA VAL D 45 37.68 2.28 -24.92
C VAL D 45 37.71 3.60 -25.69
N ILE D 46 36.67 3.83 -26.52
CA ILE D 46 36.58 5.01 -27.39
C ILE D 46 35.27 5.75 -27.19
N VAL D 47 35.36 7.10 -27.19
CA VAL D 47 34.25 8.03 -27.14
C VAL D 47 33.56 7.97 -28.51
N SER D 48 32.40 7.30 -28.58
CA SER D 48 31.65 7.16 -29.86
C SER D 48 30.73 8.33 -30.19
N ARG D 49 30.22 9.04 -29.18
CA ARG D 49 29.28 10.13 -29.41
C ARG D 49 29.27 11.13 -28.27
N VAL D 50 29.12 12.41 -28.61
CA VAL D 50 29.08 13.53 -27.66
C VAL D 50 27.79 14.29 -28.03
N ALA D 51 26.87 14.44 -27.07
CA ALA D 51 25.60 15.12 -27.28
C ALA D 51 25.71 16.65 -27.11
N PRO D 52 25.06 17.46 -27.96
CA PRO D 52 25.17 18.94 -27.81
C PRO D 52 24.59 19.52 -26.52
N GLY D 53 25.25 20.57 -26.04
CA GLY D 53 24.88 21.32 -24.85
C GLY D 53 25.09 20.59 -23.53
N THR D 54 25.75 19.45 -23.58
CA THR D 54 25.96 18.63 -22.40
C THR D 54 27.31 18.94 -21.76
N PRO D 55 27.59 18.41 -20.54
CA PRO D 55 28.91 18.64 -19.93
C PRO D 55 30.07 18.20 -20.82
N ALA D 56 29.99 17.02 -21.48
CA ALA D 56 31.07 16.54 -22.37
C ALA D 56 31.29 17.45 -23.59
N ASP D 57 30.22 18.07 -24.11
CA ASP D 57 30.28 19.00 -25.23
C ASP D 57 30.71 20.42 -24.78
N LEU D 58 30.37 20.82 -23.54
CA LEU D 58 30.64 22.18 -23.08
C LEU D 58 31.84 22.32 -22.18
N CYS D 59 32.45 21.20 -21.74
CA CYS D 59 33.64 21.27 -20.88
C CYS D 59 34.85 21.88 -21.59
N VAL D 60 35.90 22.23 -20.82
CA VAL D 60 37.11 22.89 -21.33
C VAL D 60 38.41 22.13 -20.85
N PRO D 61 39.16 21.42 -21.72
CA PRO D 61 38.85 21.13 -23.13
C PRO D 61 37.67 20.16 -23.24
N ARG D 62 36.86 20.32 -24.32
CA ARG D 62 35.71 19.51 -24.69
C ARG D 62 36.12 18.04 -24.94
N LEU D 63 35.17 17.11 -24.76
CA LEU D 63 35.43 15.70 -25.04
C LEU D 63 34.98 15.47 -26.48
N ASN D 64 35.90 15.03 -27.36
CA ASN D 64 35.58 14.80 -28.78
C ASN D 64 35.47 13.33 -29.14
N GLU D 65 34.59 13.02 -30.12
CA GLU D 65 34.38 11.65 -30.62
C GLU D 65 35.67 11.15 -31.24
N GLY D 66 36.01 9.91 -30.95
CA GLY D 66 37.25 9.31 -31.38
C GLY D 66 38.31 9.25 -30.31
N ASP D 67 38.20 10.09 -29.23
CA ASP D 67 39.19 10.07 -28.12
C ASP D 67 39.27 8.70 -27.44
N GLN D 68 40.49 8.23 -27.17
CA GLN D 68 40.69 6.99 -26.45
C GLN D 68 40.83 7.27 -24.95
N VAL D 69 39.95 6.67 -24.13
CA VAL D 69 39.97 6.79 -22.67
C VAL D 69 41.15 5.95 -22.11
N VAL D 70 42.09 6.57 -21.35
CA VAL D 70 43.24 5.88 -20.74
C VAL D 70 42.93 5.61 -19.25
N LEU D 71 42.44 6.64 -18.53
CA LEU D 71 42.11 6.56 -17.10
C LEU D 71 40.76 7.13 -16.84
N ILE D 72 40.02 6.58 -15.83
CA ILE D 72 38.70 7.09 -15.40
C ILE D 72 38.82 7.35 -13.95
N ASN D 73 38.65 8.62 -13.54
CA ASN D 73 38.79 9.01 -12.14
C ASN D 73 40.12 8.47 -11.51
N GLY D 74 41.18 8.45 -12.31
CA GLY D 74 42.51 7.98 -11.88
C GLY D 74 42.83 6.51 -12.08
N ARG D 75 41.80 5.68 -12.28
CA ARG D 75 41.90 4.24 -12.46
C ARG D 75 42.31 3.86 -13.90
N ASP D 76 43.16 2.84 -14.06
CA ASP D 76 43.58 2.29 -15.34
C ASP D 76 42.46 1.34 -15.77
N ILE D 77 42.07 1.38 -17.06
CA ILE D 77 40.97 0.58 -17.59
C ILE D 77 41.39 -0.31 -18.77
N ALA D 78 42.71 -0.59 -18.89
CA ALA D 78 43.29 -1.41 -19.97
C ALA D 78 42.79 -2.87 -19.92
N GLU D 79 42.61 -3.42 -18.71
CA GLU D 79 42.12 -4.79 -18.55
C GLU D 79 40.67 -4.90 -18.01
N HIS D 80 39.95 -3.77 -17.93
CA HIS D 80 38.57 -3.75 -17.46
C HIS D 80 37.56 -3.88 -18.60
N THR D 81 36.46 -4.62 -18.36
CA THR D 81 35.40 -4.86 -19.34
C THR D 81 34.61 -3.59 -19.66
N HIS D 82 33.83 -3.62 -20.77
CA HIS D 82 32.97 -2.52 -21.21
C HIS D 82 32.01 -2.10 -20.10
N ASP D 83 31.37 -3.07 -19.44
CA ASP D 83 30.38 -2.82 -18.39
C ASP D 83 31.00 -2.17 -17.15
N GLN D 84 32.18 -2.64 -16.74
CA GLN D 84 32.94 -2.08 -15.62
C GLN D 84 33.30 -0.61 -15.93
N VAL D 85 33.83 -0.32 -17.13
CA VAL D 85 34.18 1.04 -17.58
C VAL D 85 33.00 2.02 -17.46
N VAL D 86 31.84 1.59 -17.93
CA VAL D 86 30.62 2.36 -17.92
C VAL D 86 30.23 2.59 -16.46
N LEU D 87 30.32 1.54 -15.62
CA LEU D 87 29.98 1.66 -14.21
C LEU D 87 30.97 2.53 -13.43
N PHE D 88 32.27 2.53 -13.83
CA PHE D 88 33.31 3.37 -13.22
C PHE D 88 32.95 4.83 -13.57
N ILE D 89 32.50 5.12 -14.82
CA ILE D 89 32.05 6.48 -15.17
C ILE D 89 30.83 6.87 -14.29
N LYS D 90 29.89 5.93 -14.13
CA LYS D 90 28.68 6.14 -13.36
C LYS D 90 28.85 6.31 -11.86
N ALA D 91 30.10 6.24 -11.33
CA ALA D 91 30.42 6.50 -9.93
C ALA D 91 31.12 7.88 -9.80
N SER D 92 30.89 8.77 -10.74
CA SER D 92 31.53 10.10 -10.66
C SER D 92 30.65 11.15 -9.95
N CYS D 93 29.41 10.79 -9.59
CA CYS D 93 28.50 11.76 -9.01
C CYS D 93 28.64 12.10 -7.51
N GLU D 94 29.19 11.17 -6.70
CA GLU D 94 29.48 11.36 -5.28
C GLU D 94 28.21 11.50 -4.42
N GLY D 98 32.09 15.43 -6.87
CA GLY D 98 31.02 15.12 -7.80
C GLY D 98 31.32 15.60 -9.21
N GLU D 99 32.32 14.96 -9.86
CA GLU D 99 32.79 15.24 -11.21
C GLU D 99 33.71 14.17 -11.79
N LEU D 100 33.66 14.02 -13.10
CA LEU D 100 34.43 13.03 -13.84
C LEU D 100 35.77 13.57 -14.32
N MET D 101 36.79 12.75 -14.16
CA MET D 101 38.09 12.99 -14.68
C MET D 101 38.43 11.86 -15.62
N LEU D 102 38.78 12.20 -16.84
CA LEU D 102 39.20 11.22 -17.85
C LEU D 102 40.57 11.62 -18.37
N LEU D 103 41.45 10.65 -18.60
CA LEU D 103 42.73 10.92 -19.27
C LEU D 103 42.56 10.29 -20.65
N VAL D 104 42.63 11.11 -21.71
CA VAL D 104 42.38 10.65 -23.07
C VAL D 104 43.56 10.82 -24.00
N ARG D 105 43.59 9.99 -25.03
CA ARG D 105 44.55 10.00 -26.12
C ARG D 105 43.70 10.45 -27.31
N PRO D 106 43.96 11.64 -27.91
CA PRO D 106 43.13 12.07 -29.05
C PRO D 106 43.41 11.23 -30.30
N ASN D 107 42.44 11.16 -31.23
CA ASN D 107 42.59 10.40 -32.48
C ASN D 107 42.04 11.16 -33.68
N ILE E 12 31.15 -14.93 -0.99
CA ILE E 12 31.84 -13.67 -0.68
C ILE E 12 30.88 -12.48 -0.44
N GLU E 13 31.14 -11.72 0.64
CA GLU E 13 30.35 -10.55 1.00
C GLU E 13 31.16 -9.29 0.95
N SER E 14 30.56 -8.25 0.42
CA SER E 14 31.21 -6.95 0.25
C SER E 14 30.51 -5.88 1.09
N ASP E 15 31.32 -4.99 1.64
CA ASP E 15 30.95 -3.81 2.44
C ASP E 15 30.61 -2.67 1.50
N VAL E 16 29.42 -2.02 1.63
CA VAL E 16 29.06 -0.85 0.83
C VAL E 16 28.65 0.33 1.71
N ILE F 12 -9.46 -5.08 5.54
CA ILE F 12 -10.36 -5.85 4.67
C ILE F 12 -11.58 -5.05 4.18
N GLU F 13 -12.30 -5.60 3.19
CA GLU F 13 -13.51 -5.06 2.58
C GLU F 13 -14.70 -6.03 2.72
N SER F 14 -15.90 -5.46 2.81
CA SER F 14 -17.16 -6.19 2.90
C SER F 14 -18.11 -5.68 1.83
N ASP F 15 -18.78 -6.61 1.12
CA ASP F 15 -19.72 -6.25 0.06
C ASP F 15 -21.06 -5.97 0.70
N VAL F 16 -21.67 -4.81 0.34
CA VAL F 16 -22.96 -4.35 0.89
C VAL F 16 -24.01 -4.02 -0.20
N ILE G 12 -27.16 0.22 29.95
CA ILE G 12 -28.18 0.90 29.14
C ILE G 12 -29.20 -0.06 28.51
N GLU G 13 -30.39 0.50 28.19
CA GLU G 13 -31.55 -0.10 27.52
C GLU G 13 -31.87 0.70 26.25
N SER G 14 -32.25 0.01 25.15
CA SER G 14 -32.55 0.62 23.86
C SER G 14 -33.88 0.14 23.28
N ASP G 15 -34.57 1.02 22.57
CA ASP G 15 -35.85 0.74 21.90
C ASP G 15 -35.64 0.47 20.41
N VAL G 16 -36.18 -0.64 19.91
CA VAL G 16 -36.05 -1.00 18.50
C VAL G 16 -37.43 -1.03 17.78
N ILE H 12 28.93 -1.90 -29.97
CA ILE H 12 28.22 -1.80 -28.69
C ILE H 12 28.64 -0.58 -27.81
N GLU H 13 27.80 0.48 -27.87
CA GLU H 13 27.99 1.71 -27.12
C GLU H 13 26.97 1.94 -26.01
N SER H 14 27.41 2.65 -24.96
CA SER H 14 26.64 2.98 -23.76
C SER H 14 26.67 4.47 -23.42
N ASP H 15 25.47 5.06 -23.19
CA ASP H 15 25.32 6.46 -22.79
C ASP H 15 25.60 6.67 -21.31
N VAL H 16 26.48 7.65 -21.03
CA VAL H 16 26.87 8.07 -19.69
C VAL H 16 26.65 9.59 -19.54
#